data_3FYB
#
_entry.id   3FYB
#
_cell.length_a   40.501
_cell.length_b   69.536
_cell.length_c   81.921
_cell.angle_alpha   90.00
_cell.angle_beta   90.00
_cell.angle_gamma   90.00
#
_symmetry.space_group_name_H-M   'P 21 21 21'
#
loop_
_entity.id
_entity.type
_entity.pdbx_description
1 polymer 'Protein of unknown function (DUF1244)'
2 non-polymer 'CHLORIDE ION'
3 non-polymer 'CALCIUM ION'
4 non-polymer DI(HYDROXYETHYL)ETHER
5 non-polymer 1,2-ETHANEDIOL
6 water water
#
_entity_poly.entity_id   1
_entity_poly.type   'polypeptide(L)'
_entity_poly.pdbx_seq_one_letter_code
;G(MSE)ADIDQASKTE(MSE)EAAAFRHLLRHLDEHKDVQNIDL(MSE)IQADFCRNCLAKWL(MSE)EAATEQGVELDY
DGAREYVYG(MSE)PFAEWKTLYQKPASEAQLAAFEAKQAARKR
;
_entity_poly.pdbx_strand_id   A,B
#
# COMPACT_ATOMS: atom_id res chain seq x y z
N GLY A 1 -8.27 -16.60 12.18
CA GLY A 1 -8.18 -15.33 11.41
C GLY A 1 -7.32 -14.30 12.09
N ALA A 3 -8.20 -11.76 13.90
CA ALA A 3 -8.71 -11.51 15.24
C ALA A 3 -8.06 -12.42 16.27
N ASP A 4 -7.59 -13.59 15.84
CA ASP A 4 -7.00 -14.61 16.71
C ASP A 4 -5.51 -14.43 16.96
N ILE A 5 -4.86 -13.57 16.17
CA ILE A 5 -3.43 -13.38 16.23
C ILE A 5 -3.06 -12.33 17.26
N ASP A 6 -1.97 -12.59 18.00
CA ASP A 6 -1.48 -11.66 19.03
C ASP A 6 -1.10 -10.32 18.41
N GLN A 7 -1.32 -9.23 19.16
N GLN A 7 -1.27 -9.24 19.17
CA GLN A 7 -1.05 -7.90 18.61
CA GLN A 7 -1.05 -7.92 18.62
C GLN A 7 0.40 -7.74 18.09
C GLN A 7 0.40 -7.60 18.19
N ALA A 8 1.41 -8.17 18.86
CA ALA A 8 2.81 -7.98 18.40
C ALA A 8 3.08 -8.62 17.01
N SER A 9 2.58 -9.84 16.80
CA SER A 9 2.70 -10.53 15.52
C SER A 9 1.94 -9.77 14.44
N LYS A 10 0.73 -9.35 14.74
CA LYS A 10 -0.08 -8.60 13.72
C LYS A 10 0.63 -7.35 13.22
N THR A 11 1.23 -6.61 14.15
CA THR A 11 1.96 -5.39 13.82
C THR A 11 3.15 -5.72 12.95
N GLU A 12 3.89 -6.77 13.29
CA GLU A 12 5.02 -7.22 12.48
C GLU A 12 4.58 -7.63 11.08
N GLU A 14 1.81 -6.62 9.46
CA GLU A 14 1.32 -5.46 8.70
C GLU A 14 2.54 -4.65 8.20
N ALA A 15 3.50 -4.46 9.08
CA ALA A 15 4.82 -3.84 8.75
C ALA A 15 5.54 -4.58 7.59
N ALA A 16 5.70 -5.90 7.73
CA ALA A 16 6.29 -6.75 6.65
C ALA A 16 5.54 -6.60 5.31
N ALA A 17 4.19 -6.58 5.36
CA ALA A 17 3.37 -6.44 4.14
C ALA A 17 3.62 -5.07 3.49
N PHE A 18 3.73 -4.03 4.33
CA PHE A 18 4.08 -2.69 3.83
C PHE A 18 5.47 -2.66 3.15
N ARG A 19 6.49 -3.16 3.84
CA ARG A 19 7.80 -3.27 3.22
C ARG A 19 7.75 -4.07 1.90
N HIS A 20 6.94 -5.14 1.84
CA HIS A 20 6.75 -5.89 0.59
C HIS A 20 6.17 -5.01 -0.51
N LEU A 21 5.20 -4.17 -0.15
CA LEU A 21 4.65 -3.25 -1.12
C LEU A 21 5.71 -2.29 -1.68
N LEU A 22 6.57 -1.75 -0.79
CA LEU A 22 7.68 -0.89 -1.21
C LEU A 22 8.63 -1.61 -2.17
N ARG A 23 8.94 -2.86 -1.89
CA ARG A 23 9.79 -3.62 -2.85
C ARG A 23 9.10 -3.80 -4.20
N HIS A 24 7.82 -4.17 -4.15
CA HIS A 24 7.01 -4.31 -5.36
C HIS A 24 7.02 -3.04 -6.22
N LEU A 25 6.75 -1.89 -5.61
CA LEU A 25 6.78 -0.64 -6.38
C LEU A 25 8.17 -0.30 -6.94
N ASP A 26 9.20 -0.58 -6.14
CA ASP A 26 10.60 -0.41 -6.54
C ASP A 26 10.99 -1.32 -7.72
N GLU A 27 10.33 -2.47 -7.82
CA GLU A 27 10.55 -3.44 -8.91
C GLU A 27 9.73 -3.13 -10.15
N HIS A 28 8.89 -2.12 -10.05
CA HIS A 28 7.99 -1.68 -11.13
C HIS A 28 8.08 -0.15 -11.30
N LYS A 29 9.30 0.33 -11.56
CA LYS A 29 9.55 1.77 -11.66
C LYS A 29 8.88 2.39 -12.89
N ASP A 30 8.46 1.52 -13.81
CA ASP A 30 7.63 1.88 -14.96
C ASP A 30 6.18 2.22 -14.58
N VAL A 31 5.77 1.82 -13.36
CA VAL A 31 4.44 2.13 -12.83
C VAL A 31 4.48 3.58 -12.35
N GLN A 32 3.79 4.47 -13.07
CA GLN A 32 3.91 5.91 -12.81
C GLN A 32 3.03 6.40 -11.68
N ASN A 33 3.50 7.38 -10.90
CA ASN A 33 2.65 7.94 -9.81
C ASN A 33 1.34 8.51 -10.32
N ILE A 34 1.37 9.20 -11.46
CA ILE A 34 0.13 9.82 -11.97
C ILE A 34 -0.92 8.75 -12.34
N ASP A 35 -0.46 7.59 -12.82
CA ASP A 35 -1.39 6.49 -13.12
C ASP A 35 -1.98 5.87 -11.86
N LEU A 36 -1.16 5.72 -10.83
CA LEU A 36 -1.65 5.29 -9.51
C LEU A 36 -2.71 6.27 -8.99
N ILE A 38 -4.60 8.54 -10.85
CA ILE A 38 -5.78 8.35 -11.72
C ILE A 38 -6.56 7.07 -11.34
N GLN A 39 -5.91 5.91 -11.30
CA GLN A 39 -6.61 4.63 -11.07
C GLN A 39 -7.10 4.40 -9.65
N ALA A 40 -6.23 4.72 -8.67
CA ALA A 40 -6.38 4.21 -7.32
C ALA A 40 -6.40 5.32 -6.27
N ASP A 41 -6.22 6.58 -6.69
CA ASP A 41 -6.26 7.73 -5.79
C ASP A 41 -5.13 7.75 -4.73
N PHE A 42 -4.05 7.05 -5.02
CA PHE A 42 -2.84 7.13 -4.16
C PHE A 42 -1.63 6.85 -5.03
N CYS A 43 -0.45 7.23 -4.56
CA CYS A 43 0.79 6.91 -5.29
C CYS A 43 1.94 6.79 -4.29
N ARG A 44 3.20 6.73 -4.76
CA ARG A 44 4.31 6.60 -3.81
C ARG A 44 4.37 7.78 -2.81
N ASN A 45 3.98 8.96 -3.27
CA ASN A 45 4.14 10.15 -2.45
C ASN A 45 3.16 10.05 -1.31
N CYS A 46 2.01 9.44 -1.55
CA CYS A 46 1.00 9.32 -0.48
C CYS A 46 1.52 8.37 0.60
N LEU A 47 2.20 7.30 0.19
CA LEU A 47 2.74 6.36 1.18
C LEU A 47 3.74 7.06 2.07
N ALA A 48 4.49 7.96 1.47
CA ALA A 48 5.46 8.76 2.26
C ALA A 48 4.69 9.67 3.25
N LYS A 49 3.65 10.35 2.77
CA LYS A 49 2.82 11.18 3.64
C LYS A 49 2.26 10.37 4.79
N TRP A 50 1.79 9.16 4.50
CA TRP A 50 1.16 8.30 5.53
C TRP A 50 2.16 7.89 6.60
N LEU A 51 3.41 7.64 6.19
CA LEU A 51 4.49 7.38 7.14
C LEU A 51 4.71 8.60 8.07
N GLU A 53 2.50 10.82 8.94
CA GLU A 53 1.36 10.83 9.87
C GLU A 53 1.57 9.82 10.98
N ALA A 54 2.15 8.66 10.62
CA ALA A 54 2.34 7.59 11.60
C ALA A 54 3.49 7.97 12.52
N ALA A 55 4.50 8.67 11.99
CA ALA A 55 5.57 9.20 12.85
C ALA A 55 4.95 10.07 13.98
N THR A 56 4.02 10.97 13.64
CA THR A 56 3.33 11.79 14.67
C THR A 56 2.63 10.96 15.75
N GLU A 57 1.92 9.92 15.30
CA GLU A 57 1.23 9.01 16.19
C GLU A 57 2.21 8.31 17.13
N GLN A 58 3.44 8.07 16.64
CA GLN A 58 4.48 7.43 17.44
C GLN A 58 5.39 8.39 18.21
N GLY A 59 5.13 9.68 18.10
CA GLY A 59 5.91 10.68 18.86
C GLY A 59 7.33 10.80 18.35
N VAL A 60 7.54 10.46 17.08
CA VAL A 60 8.89 10.53 16.47
C VAL A 60 8.88 11.51 15.28
N GLU A 61 10.06 11.85 14.77
CA GLU A 61 10.19 12.86 13.74
C GLU A 61 10.55 12.19 12.41
N LEU A 62 9.81 12.56 11.37
CA LEU A 62 10.13 12.17 10.00
C LEU A 62 9.61 13.30 9.09
N ASP A 63 10.47 13.88 8.27
CA ASP A 63 9.99 14.93 7.36
C ASP A 63 9.71 14.31 5.99
N TYR A 64 9.16 15.09 5.07
CA TYR A 64 8.72 14.50 3.77
C TYR A 64 9.91 13.95 2.97
N ASP A 65 11.04 14.64 3.00
CA ASP A 65 12.19 14.18 2.21
C ASP A 65 12.65 12.83 2.75
N GLY A 66 12.73 12.73 4.08
CA GLY A 66 13.13 11.47 4.72
C GLY A 66 12.15 10.34 4.42
N ALA A 67 10.86 10.65 4.49
CA ALA A 67 9.82 9.66 4.16
C ALA A 67 9.93 9.19 2.71
N ARG A 68 10.09 10.14 1.79
CA ARG A 68 10.27 9.79 0.37
C ARG A 68 11.54 8.98 0.16
N GLU A 69 12.62 9.35 0.83
CA GLU A 69 13.90 8.64 0.62
C GLU A 69 13.71 7.16 1.02
N TYR A 70 12.95 6.95 2.09
CA TYR A 70 12.64 5.59 2.52
C TYR A 70 11.74 4.86 1.49
N VAL A 71 10.66 5.50 1.04
CA VAL A 71 9.73 4.88 0.11
C VAL A 71 10.41 4.58 -1.24
N TYR A 72 11.17 5.53 -1.76
CA TYR A 72 11.74 5.39 -3.10
C TYR A 72 13.06 4.62 -3.11
N GLY A 73 13.70 4.46 -1.95
CA GLY A 73 14.99 3.79 -1.85
C GLY A 73 16.19 4.68 -2.21
N PRO A 75 17.01 9.45 -2.56
CA PRO A 75 16.37 10.77 -2.53
C PRO A 75 15.39 10.95 -3.69
N PHE A 76 14.20 11.49 -3.41
CA PHE A 76 13.21 11.71 -4.48
C PHE A 76 13.79 12.43 -5.72
N ALA A 77 14.67 13.40 -5.48
CA ALA A 77 15.23 14.19 -6.56
C ALA A 77 16.02 13.32 -7.54
N GLU A 78 16.71 12.32 -7.00
CA GLU A 78 17.51 11.41 -7.83
C GLU A 78 16.58 10.44 -8.59
N TRP A 79 15.59 9.89 -7.90
CA TRP A 79 14.56 9.05 -8.51
C TRP A 79 13.86 9.75 -9.67
N LYS A 80 13.44 10.99 -9.45
CA LYS A 80 12.83 11.80 -10.50
C LYS A 80 13.72 12.00 -11.72
N THR A 81 15.00 12.31 -11.53
CA THR A 81 15.95 12.49 -12.61
C THR A 81 16.15 11.18 -13.40
N LEU A 82 16.27 10.08 -12.67
CA LEU A 82 16.65 8.82 -13.29
C LEU A 82 15.47 8.09 -13.90
N TYR A 83 14.28 8.24 -13.30
CA TYR A 83 13.18 7.35 -13.65
C TYR A 83 11.90 8.01 -14.11
N GLN A 84 11.64 9.23 -13.68
CA GLN A 84 10.33 9.82 -13.94
C GLN A 84 10.17 10.51 -15.28
N LYS A 85 9.03 10.24 -15.92
CA LYS A 85 8.61 10.90 -17.16
C LYS A 85 7.49 11.84 -16.77
N PRO A 86 7.45 13.07 -17.34
CA PRO A 86 6.29 13.90 -16.99
C PRO A 86 4.98 13.35 -17.58
N ALA A 87 3.86 13.78 -17.02
CA ALA A 87 2.55 13.35 -17.53
C ALA A 87 2.33 13.66 -19.02
N SER A 88 1.56 12.81 -19.71
CA SER A 88 1.10 13.10 -21.06
C SER A 88 -0.14 14.01 -20.95
N GLU A 89 -0.56 14.60 -22.06
CA GLU A 89 -1.82 15.38 -22.08
C GLU A 89 -2.99 14.51 -21.59
N ALA A 90 -3.04 13.26 -22.06
CA ALA A 90 -4.11 12.34 -21.67
C ALA A 90 -4.11 12.03 -20.17
N GLN A 91 -2.93 11.87 -19.57
CA GLN A 91 -2.85 11.64 -18.13
C GLN A 91 -3.30 12.89 -17.34
N LEU A 92 -2.86 14.08 -17.75
CA LEU A 92 -3.27 15.33 -17.10
C LEU A 92 -4.78 15.46 -17.14
N ALA A 93 -5.37 15.35 -18.34
CA ALA A 93 -6.83 15.30 -18.55
C ALA A 93 -7.54 14.27 -17.67
N ALA A 94 -7.03 13.04 -17.64
CA ALA A 94 -7.63 11.97 -16.86
C ALA A 94 -7.50 12.18 -15.35
N PHE A 95 -6.44 12.86 -14.93
CA PHE A 95 -6.22 13.26 -13.54
C PHE A 95 -7.21 14.37 -13.20
N GLU A 96 -7.32 15.36 -14.10
CA GLU A 96 -8.30 16.44 -13.98
C GLU A 96 -9.73 15.91 -13.99
N ALA A 97 -9.93 14.77 -14.65
CA ALA A 97 -11.24 14.11 -14.73
C ALA A 97 -11.64 13.49 -13.40
N LYS A 98 -10.65 12.98 -12.67
CA LYS A 98 -10.88 12.34 -11.36
C LYS A 98 -10.38 13.22 -10.23
N GLY B 1 16.25 10.80 9.41
CA GLY B 1 15.34 9.96 8.59
C GLY B 1 14.90 8.63 9.18
N ALA B 3 16.21 5.73 9.08
CA ALA B 3 17.27 4.93 9.75
C ALA B 3 17.59 5.46 11.15
N ASP B 4 17.08 6.64 11.47
CA ASP B 4 17.31 7.27 12.78
C ASP B 4 16.22 7.01 13.79
N ILE B 5 15.15 6.36 13.35
CA ILE B 5 14.03 6.08 14.24
C ILE B 5 14.22 4.70 14.94
N ASP B 6 13.90 4.60 16.24
CA ASP B 6 14.05 3.30 16.92
C ASP B 6 13.24 2.21 16.21
N GLN B 7 13.75 0.98 16.24
CA GLN B 7 13.14 -0.10 15.48
C GLN B 7 11.65 -0.33 15.80
N ALA B 8 11.25 -0.22 17.06
CA ALA B 8 9.84 -0.48 17.42
C ALA B 8 8.90 0.58 16.80
N SER B 9 9.25 1.86 16.95
CA SER B 9 8.52 2.96 16.27
C SER B 9 8.46 2.74 14.74
N LYS B 10 9.60 2.39 14.12
CA LYS B 10 9.64 2.22 12.66
C LYS B 10 8.67 1.12 12.22
N THR B 11 8.73 0.00 12.91
CA THR B 11 7.76 -1.11 12.70
C THR B 11 6.30 -0.64 12.85
N GLU B 12 6.01 0.10 13.92
CA GLU B 12 4.68 0.62 14.12
C GLU B 12 4.23 1.52 12.97
N GLU B 14 5.35 1.51 9.80
CA GLU B 14 5.11 0.71 8.60
C GLU B 14 3.75 0.00 8.67
N ALA B 15 3.45 -0.56 9.84
CA ALA B 15 2.15 -1.22 10.07
C ALA B 15 1.00 -0.23 9.92
N ALA B 16 1.15 0.95 10.53
CA ALA B 16 0.14 2.01 10.39
C ALA B 16 -0.09 2.42 8.94
N ALA B 17 0.99 2.46 8.15
CA ALA B 17 0.87 2.89 6.77
C ALA B 17 0.17 1.79 5.99
N PHE B 18 0.45 0.52 6.30
CA PHE B 18 -0.27 -0.57 5.69
C PHE B 18 -1.78 -0.55 6.01
N ARG B 19 -2.13 -0.38 7.30
CA ARG B 19 -3.56 -0.23 7.67
C ARG B 19 -4.21 0.99 6.98
N HIS B 20 -3.51 2.12 6.88
CA HIS B 20 -4.01 3.28 6.09
C HIS B 20 -4.32 2.88 4.63
N LEU B 21 -3.44 2.13 3.98
CA LEU B 21 -3.68 1.72 2.59
C LEU B 21 -4.94 0.86 2.53
N LEU B 22 -5.12 -0.06 3.50
CA LEU B 22 -6.36 -0.87 3.55
C LEU B 22 -7.65 -0.05 3.64
N ARG B 23 -7.62 0.99 4.49
CA ARG B 23 -8.75 1.89 4.65
C ARG B 23 -8.97 2.70 3.37
N HIS B 24 -7.86 3.17 2.79
CA HIS B 24 -7.91 3.85 1.50
C HIS B 24 -8.61 3.02 0.45
N LEU B 25 -8.19 1.77 0.29
CA LEU B 25 -8.80 0.90 -0.73
C LEU B 25 -10.27 0.58 -0.42
N ASP B 26 -10.58 0.42 0.86
CA ASP B 26 -11.94 0.20 1.31
C ASP B 26 -12.83 1.43 1.01
N GLU B 27 -12.20 2.61 1.00
CA GLU B 27 -12.89 3.85 0.67
C GLU B 27 -13.05 4.06 -0.84
N HIS B 28 -12.40 3.21 -1.62
CA HIS B 28 -12.45 3.25 -3.06
C HIS B 28 -12.87 1.90 -3.62
N LYS B 29 -14.00 1.41 -3.16
CA LYS B 29 -14.48 0.12 -3.64
C LYS B 29 -14.81 0.14 -5.15
N ASP B 30 -14.89 1.36 -5.69
N ASP B 30 -14.89 1.33 -5.74
CA ASP B 30 -15.00 1.64 -7.14
CA ASP B 30 -15.03 1.47 -7.20
C ASP B 30 -13.78 1.16 -7.94
C ASP B 30 -13.77 1.03 -7.94
N VAL B 31 -12.62 1.20 -7.30
CA VAL B 31 -11.34 0.79 -7.88
C VAL B 31 -11.29 -0.74 -7.94
N GLN B 32 -11.49 -1.31 -9.13
N GLN B 32 -11.43 -1.28 -9.15
CA GLN B 32 -11.54 -2.77 -9.26
CA GLN B 32 -11.44 -2.73 -9.38
C GLN B 32 -10.12 -3.36 -9.21
C GLN B 32 -10.06 -3.33 -9.17
N ASN B 33 -10.04 -4.60 -8.72
CA ASN B 33 -8.76 -5.32 -8.63
C ASN B 33 -8.10 -5.44 -10.00
N ILE B 34 -8.90 -5.56 -11.08
CA ILE B 34 -8.30 -5.67 -12.42
C ILE B 34 -7.53 -4.40 -12.78
N ASP B 35 -8.08 -3.25 -12.44
CA ASP B 35 -7.42 -1.97 -12.76
C ASP B 35 -6.14 -1.80 -11.98
N LEU B 36 -6.14 -2.23 -10.73
CA LEU B 36 -4.92 -2.26 -9.93
C LEU B 36 -3.88 -3.21 -10.55
N ILE B 38 -3.64 -4.07 -13.75
CA ILE B 38 -3.24 -3.37 -14.97
C ILE B 38 -2.25 -2.25 -14.68
N GLN B 39 -2.60 -1.33 -13.78
CA GLN B 39 -1.79 -0.13 -13.55
C GLN B 39 -0.62 -0.29 -12.59
N ALA B 40 -0.70 -1.27 -11.69
CA ALA B 40 0.22 -1.34 -10.57
C ALA B 40 0.86 -2.72 -10.35
N ASP B 41 0.33 -3.73 -11.05
CA ASP B 41 0.79 -5.12 -10.96
C ASP B 41 0.57 -5.78 -9.58
N PHE B 42 -0.40 -5.24 -8.84
CA PHE B 42 -0.83 -5.86 -7.57
C PHE B 42 -2.29 -5.47 -7.35
N CYS B 43 -2.97 -6.16 -6.46
CA CYS B 43 -4.34 -5.78 -6.13
C CYS B 43 -4.62 -6.20 -4.70
N ARG B 44 -5.88 -6.14 -4.28
CA ARG B 44 -6.19 -6.50 -2.90
C ARG B 44 -5.85 -7.95 -2.58
N ASN B 45 -5.97 -8.84 -3.56
CA ASN B 45 -5.62 -10.26 -3.30
C ASN B 45 -4.13 -10.41 -3.02
N CYS B 46 -3.32 -9.63 -3.72
CA CYS B 46 -1.86 -9.58 -3.50
C CYS B 46 -1.51 -9.19 -2.08
N LEU B 47 -2.15 -8.11 -1.60
CA LEU B 47 -1.93 -7.65 -0.21
C LEU B 47 -2.25 -8.78 0.78
N ALA B 48 -3.33 -9.52 0.52
CA ALA B 48 -3.69 -10.65 1.36
C ALA B 48 -2.62 -11.77 1.31
N LYS B 49 -2.14 -12.09 0.11
CA LYS B 49 -1.04 -13.08 -0.05
C LYS B 49 0.21 -12.62 0.71
N TRP B 50 0.56 -11.34 0.59
CA TRP B 50 1.74 -10.81 1.29
C TRP B 50 1.57 -10.94 2.81
N LEU B 51 0.35 -10.68 3.29
CA LEU B 51 0.05 -10.88 4.73
C LEU B 51 0.20 -12.35 5.13
N GLU B 53 2.25 -14.45 3.73
CA GLU B 53 3.70 -14.70 3.78
C GLU B 53 4.31 -14.14 5.08
N ALA B 54 3.81 -12.99 5.53
CA ALA B 54 4.27 -12.34 6.77
C ALA B 54 3.87 -13.15 8.01
N ALA B 55 2.65 -13.72 8.00
CA ALA B 55 2.25 -14.64 9.08
C ALA B 55 3.27 -15.81 9.26
N THR B 56 3.65 -16.48 8.17
CA THR B 56 4.70 -17.52 8.17
C THR B 56 5.99 -17.02 8.81
N GLU B 57 6.37 -15.78 8.50
CA GLU B 57 7.57 -15.17 9.05
C GLU B 57 7.50 -15.03 10.57
N GLN B 58 6.27 -14.88 11.05
CA GLN B 58 5.98 -14.61 12.46
C GLN B 58 5.64 -15.84 13.28
N GLY B 59 5.62 -17.00 12.63
CA GLY B 59 5.35 -18.27 13.33
C GLY B 59 3.88 -18.42 13.67
N VAL B 60 3.00 -17.76 12.90
CA VAL B 60 1.54 -17.91 13.08
C VAL B 60 0.82 -18.31 11.76
N GLU B 61 -0.34 -18.95 11.88
CA GLU B 61 -1.24 -19.25 10.72
C GLU B 61 -2.17 -18.07 10.36
N LEU B 62 -2.19 -17.75 9.07
CA LEU B 62 -3.21 -16.88 8.50
C LEU B 62 -3.45 -17.47 7.12
N ASP B 63 -4.60 -18.09 6.95
CA ASP B 63 -4.89 -18.71 5.66
C ASP B 63 -5.40 -17.64 4.68
N TYR B 64 -5.62 -18.03 3.42
CA TYR B 64 -6.01 -17.03 2.40
C TYR B 64 -7.34 -16.35 2.66
N ASP B 65 -8.35 -17.13 3.06
CA ASP B 65 -9.67 -16.54 3.37
C ASP B 65 -9.58 -15.59 4.55
N GLY B 66 -8.81 -15.98 5.56
CA GLY B 66 -8.53 -15.15 6.72
C GLY B 66 -7.86 -13.85 6.28
N ALA B 67 -6.81 -13.96 5.46
CA ALA B 67 -6.11 -12.77 4.98
C ALA B 67 -7.03 -11.85 4.17
N ARG B 68 -7.86 -12.43 3.30
CA ARG B 68 -8.76 -11.64 2.50
C ARG B 68 -9.84 -11.00 3.36
N GLU B 69 -10.38 -11.74 4.35
CA GLU B 69 -11.38 -11.10 5.23
C GLU B 69 -10.81 -9.84 5.90
N TYR B 70 -9.56 -9.91 6.35
CA TYR B 70 -8.91 -8.76 6.93
C TYR B 70 -8.72 -7.60 5.93
N VAL B 71 -8.15 -7.89 4.77
CA VAL B 71 -7.87 -6.86 3.75
C VAL B 71 -9.17 -6.18 3.24
N TYR B 72 -10.17 -7.00 2.94
CA TYR B 72 -11.43 -6.51 2.38
C TYR B 72 -12.43 -6.01 3.42
N GLY B 73 -12.20 -6.33 4.68
CA GLY B 73 -13.16 -5.95 5.75
C GLY B 73 -14.43 -6.76 5.86
N PRO B 75 -15.84 -11.15 4.45
CA PRO B 75 -15.47 -12.30 3.65
C PRO B 75 -15.45 -11.95 2.16
N PHE B 76 -14.42 -12.41 1.44
CA PHE B 76 -14.29 -12.12 0.01
C PHE B 76 -15.55 -12.51 -0.82
N ALA B 77 -16.18 -13.62 -0.48
CA ALA B 77 -17.38 -14.07 -1.19
C ALA B 77 -18.43 -12.94 -1.17
N GLU B 78 -18.57 -12.33 0.00
CA GLU B 78 -19.58 -11.29 0.18
C GLU B 78 -19.14 -10.02 -0.55
N TRP B 79 -17.86 -9.73 -0.52
CA TRP B 79 -17.32 -8.58 -1.26
C TRP B 79 -17.52 -8.74 -2.78
N LYS B 80 -17.25 -9.94 -3.27
CA LYS B 80 -17.38 -10.20 -4.70
C LYS B 80 -18.82 -9.98 -5.18
N THR B 81 -19.80 -10.47 -4.42
CA THR B 81 -21.22 -10.31 -4.80
C THR B 81 -21.72 -8.85 -4.75
N LEU B 82 -21.19 -8.06 -3.80
CA LEU B 82 -21.63 -6.68 -3.58
C LEU B 82 -20.87 -5.65 -4.45
N TYR B 83 -19.59 -5.88 -4.68
CA TYR B 83 -18.70 -4.86 -5.28
C TYR B 83 -18.02 -5.20 -6.60
N GLN B 84 -17.85 -6.49 -6.91
CA GLN B 84 -17.06 -6.83 -8.08
C GLN B 84 -17.92 -6.86 -9.34
N LYS B 85 -17.42 -6.18 -10.38
CA LYS B 85 -18.10 -6.13 -11.67
C LYS B 85 -17.30 -6.94 -12.71
N PRO B 86 -17.97 -7.51 -13.75
CA PRO B 86 -17.18 -8.16 -14.83
C PRO B 86 -16.28 -7.13 -15.53
N ALA B 87 -15.10 -7.55 -15.98
CA ALA B 87 -14.16 -6.65 -16.66
C ALA B 87 -14.67 -6.24 -18.05
N SER B 88 -14.67 -4.94 -18.31
CA SER B 88 -15.09 -4.39 -19.62
C SER B 88 -14.15 -4.84 -20.74
#